data_1KUJ
#
_entry.id   1KUJ
#
_cell.length_a   58.795
_cell.length_b   82.612
_cell.length_c   63.482
_cell.angle_alpha   90.00
_cell.angle_beta   106.80
_cell.angle_gamma   90.00
#
_symmetry.space_group_name_H-M   'P 1 21 1'
#
loop_
_entity.id
_entity.type
_entity.pdbx_description
1 polymer 'JACALIN ALPHA CHAIN'
2 polymer 'JACALIN BETA CHAIN'
3 non-polymer 'methyl alpha-D-mannopyranoside'
4 water water
#
loop_
_entity_poly.entity_id
_entity_poly.type
_entity_poly.pdbx_seq_one_letter_code
_entity_poly.pdbx_strand_id
1 'polypeptide(L)'
;GKAFDDGAFTGIREINLSYNKETAIGDFQVVYDLNGSPYVGQNHKSFITGFTPVKISLDFPSEYIMEVSGYTGNVSGYVV
VRSLTFKTNKKTYGPYGVTSGTPFNLPIENGLIVGFKGSIGYWLDYFSMYLSL
;
A,C,E,G
2 'polypeptide(L)' NEQSGISQTVIVGPWGAK B,D,F,H
#
loop_
_chem_comp.id
_chem_comp.type
_chem_comp.name
_chem_comp.formula
MMA D-saccharide 'methyl alpha-D-mannopyranoside' 'C7 H14 O6'
#
# COMPACT_ATOMS: atom_id res chain seq x y z
N GLY A 1 17.57 1.70 26.81
CA GLY A 1 17.90 3.11 26.44
C GLY A 1 16.61 3.87 26.15
N LYS A 2 16.73 4.99 25.42
CA LYS A 2 15.57 5.80 25.08
C LYS A 2 15.00 5.33 23.73
N ALA A 3 13.75 4.87 23.74
CA ALA A 3 13.11 4.43 22.51
C ALA A 3 12.76 5.62 21.61
N PHE A 4 12.88 5.42 20.30
CA PHE A 4 12.53 6.47 19.33
C PHE A 4 11.73 5.88 18.15
N ASP A 5 10.95 6.72 17.50
CA ASP A 5 10.14 6.33 16.35
C ASP A 5 9.93 7.54 15.48
N ASP A 6 10.70 7.64 14.40
CA ASP A 6 10.55 8.76 13.50
C ASP A 6 9.19 8.73 12.77
N GLY A 7 8.70 7.53 12.45
CA GLY A 7 7.44 7.44 11.72
C GLY A 7 7.79 7.20 10.26
N ALA A 8 6.82 7.35 9.37
CA ALA A 8 7.02 7.11 7.94
C ALA A 8 7.09 8.43 7.17
N PHE A 9 7.88 8.47 6.10
CA PHE A 9 8.03 9.65 5.26
C PHE A 9 7.92 9.32 3.75
N THR A 10 8.41 10.18 2.88
CA THR A 10 8.32 9.93 1.44
C THR A 10 9.61 9.35 0.92
N GLY A 11 10.67 9.46 1.72
CA GLY A 11 11.97 8.98 1.28
C GLY A 11 13.09 9.43 2.21
N ILE A 12 14.33 9.17 1.78
CA ILE A 12 15.53 9.48 2.57
C ILE A 12 16.55 10.33 1.82
N ARG A 13 16.96 11.43 2.45
CA ARG A 13 17.90 12.33 1.83
C ARG A 13 19.29 12.19 2.45
N GLU A 14 19.37 12.02 3.77
CA GLU A 14 20.68 11.89 4.42
C GLU A 14 20.58 11.13 5.74
N ILE A 15 21.64 10.39 6.06
CA ILE A 15 21.67 9.67 7.32
C ILE A 15 22.92 10.12 8.11
N ASN A 16 22.77 10.54 9.36
CA ASN A 16 23.95 10.95 10.19
C ASN A 16 24.05 10.04 11.40
N LEU A 17 25.02 9.15 11.43
CA LEU A 17 25.19 8.26 12.56
C LEU A 17 26.63 8.35 13.10
N SER A 18 26.86 7.72 14.23
CA SER A 18 28.21 7.74 14.80
C SER A 18 28.47 6.29 15.22
N TYR A 19 29.72 5.89 15.22
CA TYR A 19 30.04 4.52 15.62
C TYR A 19 31.42 4.43 16.25
N ASN A 20 31.65 3.34 16.97
CA ASN A 20 32.95 3.08 17.58
C ASN A 20 33.43 1.67 17.17
N LYS A 21 34.58 1.65 16.49
CA LYS A 21 35.20 0.41 15.99
C LYS A 21 35.43 -0.72 17.03
N GLU A 22 35.32 -0.42 18.31
CA GLU A 22 35.52 -1.45 19.34
C GLU A 22 34.20 -1.84 20.03
N THR A 23 33.18 -1.02 19.86
CA THR A 23 31.92 -1.27 20.52
C THR A 23 30.73 -1.48 19.55
N ALA A 24 29.93 -0.45 19.30
CA ALA A 24 28.77 -0.54 18.41
C ALA A 24 28.34 0.83 17.86
N ILE A 25 27.16 0.86 17.25
CA ILE A 25 26.62 2.08 16.68
C ILE A 25 26.14 2.96 17.85
N GLY A 26 26.33 4.27 17.72
CA GLY A 26 25.91 5.21 18.75
C GLY A 26 24.76 6.10 18.30
N ASP A 27 25.07 7.34 17.89
CA ASP A 27 24.03 8.26 17.46
C ASP A 27 23.37 7.82 16.15
N PHE A 28 22.14 8.24 15.93
CA PHE A 28 21.42 7.91 14.68
C PHE A 28 20.42 9.03 14.42
N GLN A 29 20.46 9.58 13.21
CA GLN A 29 19.61 10.70 12.85
C GLN A 29 19.39 10.63 11.36
N VAL A 30 18.24 11.10 10.91
CA VAL A 30 17.89 11.05 9.50
C VAL A 30 17.18 12.28 8.96
N VAL A 31 17.62 12.77 7.80
CA VAL A 31 16.91 13.88 7.17
C VAL A 31 16.07 13.14 6.11
N TYR A 32 14.78 13.08 6.32
CA TYR A 32 13.89 12.39 5.37
C TYR A 32 13.39 13.34 4.28
N ASP A 33 12.62 12.79 3.35
CA ASP A 33 11.94 13.65 2.40
C ASP A 33 10.49 13.55 2.80
N LEU A 34 9.86 14.72 2.92
CA LEU A 34 8.44 14.83 3.23
C LEU A 34 7.82 15.63 2.08
N ASN A 35 7.30 14.88 1.10
CA ASN A 35 6.65 15.43 -0.08
C ASN A 35 7.44 16.53 -0.78
N GLY A 36 8.73 16.29 -0.97
CA GLY A 36 9.57 17.25 -1.64
C GLY A 36 10.41 18.15 -0.74
N SER A 37 10.09 18.27 0.55
CA SER A 37 10.87 19.12 1.46
C SER A 37 11.68 18.26 2.42
N PRO A 38 12.97 18.63 2.65
CA PRO A 38 13.81 17.88 3.57
C PRO A 38 13.10 17.92 4.92
N TYR A 39 13.11 16.83 5.66
CA TYR A 39 12.51 16.81 6.99
C TYR A 39 13.64 16.44 7.95
N VAL A 40 14.00 17.38 8.81
CA VAL A 40 15.10 17.08 9.72
C VAL A 40 14.60 16.28 10.90
N GLY A 41 14.95 15.01 10.91
CA GLY A 41 14.51 14.17 12.00
C GLY A 41 15.31 14.50 13.26
N GLN A 42 14.72 14.19 14.41
CA GLN A 42 15.36 14.44 15.69
C GLN A 42 16.64 13.61 15.80
N ASN A 43 17.65 14.17 16.47
CA ASN A 43 18.88 13.41 16.63
C ASN A 43 18.71 12.45 17.80
N HIS A 44 18.92 11.15 17.57
CA HIS A 44 18.77 10.18 18.65
C HIS A 44 20.16 9.87 19.14
N LYS A 45 20.51 10.53 20.26
CA LYS A 45 21.83 10.46 20.88
C LYS A 45 22.18 9.37 21.87
N SER A 46 23.40 8.86 21.74
CA SER A 46 23.90 7.88 22.70
C SER A 46 24.07 8.62 24.03
N PHE A 47 23.94 7.88 25.14
CA PHE A 47 24.13 8.45 26.48
C PHE A 47 25.63 8.71 26.78
N ILE A 48 26.51 8.18 25.93
CA ILE A 48 27.94 8.35 26.11
C ILE A 48 28.60 8.97 24.89
N THR A 49 29.82 9.47 25.07
CA THR A 49 30.59 10.09 24.00
C THR A 49 31.65 9.09 23.61
N GLY A 50 32.50 9.45 22.65
CA GLY A 50 33.56 8.56 22.20
C GLY A 50 33.36 7.95 20.82
N PHE A 51 32.41 8.45 20.03
CA PHE A 51 32.12 7.92 18.69
C PHE A 51 32.67 8.72 17.54
N THR A 52 32.74 8.07 16.38
CA THR A 52 33.22 8.73 15.16
C THR A 52 31.96 9.00 14.31
N PRO A 53 31.70 10.26 13.94
CA PRO A 53 30.53 10.68 13.14
C PRO A 53 30.63 10.29 11.66
N VAL A 54 29.49 10.02 11.03
CA VAL A 54 29.45 9.66 9.62
C VAL A 54 28.26 10.35 8.97
N LYS A 55 28.47 10.98 7.82
CA LYS A 55 27.38 11.63 7.13
C LYS A 55 27.20 10.91 5.80
N ILE A 56 25.99 10.42 5.55
CA ILE A 56 25.67 9.70 4.32
C ILE A 56 24.64 10.54 3.57
N SER A 57 25.12 11.31 2.60
CA SER A 57 24.28 12.21 1.82
C SER A 57 23.88 11.57 0.50
N LEU A 58 22.64 11.10 0.42
CA LEU A 58 22.22 10.46 -0.84
C LEU A 58 21.78 11.45 -1.90
N ASP A 59 21.93 11.08 -3.17
CA ASP A 59 21.48 11.96 -4.24
C ASP A 59 20.01 11.63 -4.48
N PHE A 60 19.18 12.09 -3.56
CA PHE A 60 17.74 11.88 -3.63
C PHE A 60 17.23 12.78 -4.78
N PRO A 61 16.26 12.27 -5.60
CA PRO A 61 15.64 10.93 -5.52
C PRO A 61 16.23 9.80 -6.37
N SER A 62 17.23 10.09 -7.21
CA SER A 62 17.80 9.05 -8.06
C SER A 62 18.56 8.00 -7.29
N GLU A 63 19.14 8.39 -6.15
CA GLU A 63 19.84 7.43 -5.30
C GLU A 63 18.95 7.01 -4.10
N TYR A 64 18.85 5.72 -3.85
CA TYR A 64 18.04 5.21 -2.74
C TYR A 64 18.62 3.90 -2.26
N ILE A 65 18.38 3.59 -0.98
CA ILE A 65 18.90 2.39 -0.33
C ILE A 65 18.27 1.10 -0.84
N MET A 66 19.10 0.15 -1.25
CA MET A 66 18.58 -1.13 -1.73
C MET A 66 18.79 -2.28 -0.76
N GLU A 67 19.68 -2.11 0.21
CA GLU A 67 19.93 -3.12 1.21
C GLU A 67 20.55 -2.53 2.47
N VAL A 68 20.05 -2.99 3.61
CA VAL A 68 20.60 -2.59 4.90
C VAL A 68 21.05 -3.90 5.56
N SER A 69 22.33 -3.93 5.93
CA SER A 69 22.89 -5.09 6.61
C SER A 69 23.76 -4.64 7.80
N GLY A 70 24.10 -5.60 8.65
CA GLY A 70 24.92 -5.26 9.80
C GLY A 70 25.21 -6.46 10.66
N TYR A 71 25.49 -6.19 11.93
CA TYR A 71 25.81 -7.24 12.92
C TYR A 71 25.25 -6.86 14.29
N THR A 72 24.79 -7.85 15.06
CA THR A 72 24.33 -7.61 16.40
C THR A 72 25.25 -8.47 17.32
N GLY A 73 25.29 -8.13 18.60
CA GLY A 73 26.15 -8.87 19.52
C GLY A 73 26.29 -8.12 20.83
N ASN A 74 26.83 -8.79 21.84
CA ASN A 74 26.96 -8.17 23.16
C ASN A 74 28.10 -7.21 23.36
N VAL A 75 27.78 -6.13 24.05
CA VAL A 75 28.75 -5.12 24.37
C VAL A 75 28.44 -4.69 25.80
N SER A 76 29.39 -5.00 26.69
CA SER A 76 29.25 -4.69 28.11
C SER A 76 28.00 -5.39 28.61
N GLY A 77 27.73 -6.57 28.08
CA GLY A 77 26.55 -7.30 28.54
C GLY A 77 25.21 -7.02 27.83
N TYR A 78 25.20 -6.07 26.90
CA TYR A 78 23.98 -5.69 26.17
C TYR A 78 23.97 -6.16 24.70
N VAL A 79 22.86 -6.76 24.26
CA VAL A 79 22.80 -7.17 22.85
C VAL A 79 22.46 -5.90 22.11
N VAL A 80 23.40 -5.48 21.26
CA VAL A 80 23.25 -4.25 20.49
C VAL A 80 23.58 -4.37 19.00
N VAL A 81 23.28 -3.33 18.23
CA VAL A 81 23.61 -3.32 16.81
C VAL A 81 25.03 -2.80 16.77
N ARG A 82 25.96 -3.68 16.40
CA ARG A 82 27.38 -3.30 16.36
C ARG A 82 27.90 -2.69 15.07
N SER A 83 27.24 -3.01 13.96
CA SER A 83 27.69 -2.56 12.65
C SER A 83 26.53 -2.35 11.68
N LEU A 84 26.73 -1.43 10.75
CA LEU A 84 25.71 -1.14 9.74
C LEU A 84 26.40 -0.82 8.43
N THR A 85 25.77 -1.25 7.33
CA THR A 85 26.24 -1.00 5.98
C THR A 85 24.97 -0.63 5.20
N PHE A 86 25.05 0.48 4.47
CA PHE A 86 23.94 0.89 3.63
C PHE A 86 24.36 0.78 2.18
N LYS A 87 23.61 -0.03 1.42
CA LYS A 87 23.92 -0.17 0.00
C LYS A 87 22.80 0.48 -0.81
N THR A 88 23.16 1.40 -1.70
CA THR A 88 22.19 2.05 -2.58
C THR A 88 22.44 1.57 -3.98
N ASN A 89 21.65 2.09 -4.93
CA ASN A 89 21.79 1.73 -6.33
C ASN A 89 23.01 2.39 -6.91
N LYS A 90 23.69 3.24 -6.13
CA LYS A 90 24.87 3.89 -6.66
C LYS A 90 26.13 3.47 -5.96
N LYS A 91 26.05 3.20 -4.66
CA LYS A 91 27.24 2.78 -3.94
C LYS A 91 26.95 2.17 -2.58
N THR A 92 28.04 1.79 -1.92
CA THR A 92 27.97 1.19 -0.60
C THR A 92 28.59 2.11 0.46
N TYR A 93 27.84 2.30 1.56
CA TYR A 93 28.33 3.14 2.65
C TYR A 93 28.45 2.24 3.85
N GLY A 94 29.70 2.00 4.25
CA GLY A 94 29.99 1.15 5.39
C GLY A 94 30.87 0.02 4.91
N PRO A 95 31.11 -0.98 5.75
CA PRO A 95 30.60 -1.13 7.12
C PRO A 95 31.10 -0.10 8.14
N TYR A 96 30.20 0.31 9.02
CA TYR A 96 30.52 1.24 10.09
C TYR A 96 30.33 0.45 11.35
N GLY A 97 31.34 0.40 12.20
CA GLY A 97 31.20 -0.34 13.44
C GLY A 97 32.10 -1.56 13.53
N VAL A 98 31.59 -2.64 14.09
CA VAL A 98 32.38 -3.86 14.26
C VAL A 98 31.70 -5.03 13.58
N THR A 99 32.34 -5.54 12.52
CA THR A 99 31.77 -6.64 11.76
C THR A 99 31.99 -8.02 12.38
N SER A 100 31.39 -8.25 13.54
CA SER A 100 31.53 -9.53 14.20
C SER A 100 30.28 -9.81 15.01
N GLY A 101 29.90 -11.07 15.10
CA GLY A 101 28.70 -11.42 15.83
C GLY A 101 27.71 -12.14 14.92
N THR A 102 26.43 -11.81 15.09
CA THR A 102 25.39 -12.43 14.29
C THR A 102 25.05 -11.47 13.15
N PRO A 103 25.25 -11.90 11.90
CA PRO A 103 24.91 -10.94 10.85
C PRO A 103 23.41 -10.90 10.57
N PHE A 104 22.98 -9.89 9.84
CA PHE A 104 21.59 -9.80 9.44
C PHE A 104 21.60 -8.97 8.16
N ASN A 105 20.63 -9.22 7.27
CA ASN A 105 20.52 -8.41 6.07
C ASN A 105 19.07 -8.29 5.59
N LEU A 106 18.76 -7.09 5.13
CA LEU A 106 17.45 -6.76 4.58
C LEU A 106 17.61 -6.20 3.18
N PRO A 107 17.63 -7.09 2.17
CA PRO A 107 17.75 -6.65 0.76
C PRO A 107 16.34 -6.29 0.35
N ILE A 108 16.21 -5.20 -0.42
CA ILE A 108 14.90 -4.79 -0.91
C ILE A 108 14.86 -4.96 -2.42
N GLU A 109 13.96 -5.83 -2.88
CA GLU A 109 13.87 -6.06 -4.32
C GLU A 109 12.94 -5.03 -4.94
N ASN A 110 11.93 -4.59 -4.19
CA ASN A 110 10.99 -3.59 -4.65
C ASN A 110 10.42 -2.84 -3.46
N GLY A 111 10.49 -1.51 -3.52
CA GLY A 111 9.97 -0.68 -2.46
C GLY A 111 11.06 0.21 -1.90
N LEU A 112 10.72 0.96 -0.86
CA LEU A 112 11.68 1.88 -0.25
C LEU A 112 11.61 1.89 1.28
N ILE A 113 12.74 2.20 1.89
CA ILE A 113 12.78 2.38 3.33
C ILE A 113 12.31 3.81 3.51
N VAL A 114 11.34 4.05 4.39
CA VAL A 114 10.79 5.42 4.55
C VAL A 114 10.71 5.90 5.99
N GLY A 115 11.39 5.20 6.89
CA GLY A 115 11.39 5.59 8.30
C GLY A 115 12.20 4.65 9.17
N PHE A 116 12.67 5.14 10.32
CA PHE A 116 13.40 4.30 11.25
C PHE A 116 12.79 4.45 12.63
N LYS A 117 12.93 3.41 13.46
CA LYS A 117 12.46 3.47 14.85
C LYS A 117 13.38 2.51 15.55
N GLY A 118 13.49 2.63 16.88
CA GLY A 118 14.39 1.75 17.60
C GLY A 118 14.58 2.22 19.02
N SER A 119 15.76 1.95 19.58
CA SER A 119 16.08 2.39 20.94
C SER A 119 17.59 2.56 21.07
N ILE A 120 18.00 3.65 21.73
CA ILE A 120 19.41 3.94 21.97
C ILE A 120 19.69 4.28 23.45
N GLY A 121 20.64 3.54 24.03
CA GLY A 121 21.09 3.78 25.40
C GLY A 121 22.54 4.25 25.22
N TYR A 122 23.52 3.44 25.63
CA TYR A 122 24.94 3.75 25.38
C TYR A 122 25.12 3.50 23.86
N TRP A 123 24.35 2.53 23.35
CA TRP A 123 24.42 2.17 21.93
C TRP A 123 23.05 1.92 21.32
N LEU A 124 23.02 1.70 20.01
CA LEU A 124 21.74 1.41 19.37
C LEU A 124 21.40 -0.01 19.80
N ASP A 125 20.39 -0.13 20.65
CA ASP A 125 19.97 -1.45 21.15
C ASP A 125 19.33 -2.30 20.04
N TYR A 126 18.46 -1.66 19.26
CA TYR A 126 17.74 -2.30 18.17
C TYR A 126 17.12 -1.25 17.31
N PHE A 127 16.68 -1.66 16.11
CA PHE A 127 16.02 -0.73 15.20
C PHE A 127 15.11 -1.51 14.24
N SER A 128 14.13 -0.82 13.68
CA SER A 128 13.18 -1.40 12.74
C SER A 128 13.02 -0.39 11.60
N MET A 129 12.56 -0.85 10.43
CA MET A 129 12.41 0.06 9.29
C MET A 129 11.01 0.05 8.68
N TYR A 130 10.49 1.24 8.38
CA TYR A 130 9.18 1.34 7.70
C TYR A 130 9.48 1.11 6.20
N LEU A 131 8.64 0.33 5.53
CA LEU A 131 8.84 0.05 4.11
C LEU A 131 7.57 0.46 3.39
N SER A 132 7.72 0.98 2.18
CA SER A 132 6.55 1.39 1.42
C SER A 132 6.90 1.38 -0.07
N LEU A 133 5.87 1.49 -0.90
CA LEU A 133 6.07 1.61 -2.34
C LEU A 133 6.05 3.14 -2.56
N GLU B 2 -13.41 -1.58 13.55
CA GLU B 2 -12.14 -0.87 13.91
C GLU B 2 -11.33 -0.34 12.76
N GLN B 3 -11.53 0.89 12.28
CA GLN B 3 -10.60 1.41 11.24
C GLN B 3 -10.15 2.58 12.09
N SER B 4 -8.91 2.98 11.98
CA SER B 4 -8.46 4.10 12.76
C SER B 4 -8.27 5.22 11.75
N GLY B 5 -8.12 6.45 12.23
CA GLY B 5 -7.87 7.53 11.30
C GLY B 5 -6.39 7.56 11.00
N ILE B 6 -5.62 6.60 11.53
CA ILE B 6 -4.15 6.58 11.35
C ILE B 6 -3.70 5.67 10.22
N SER B 7 -3.02 6.22 9.20
CA SER B 7 -2.50 5.45 8.09
C SER B 7 -1.44 4.42 8.55
N GLN B 8 -1.48 3.22 7.98
CA GLN B 8 -0.56 2.13 8.32
C GLN B 8 0.55 1.96 7.31
N THR B 9 1.66 1.39 7.76
CA THR B 9 2.84 1.15 6.92
C THR B 9 3.46 -0.17 7.31
N VAL B 10 4.08 -0.85 6.36
CA VAL B 10 4.74 -2.10 6.67
C VAL B 10 6.00 -1.77 7.49
N ILE B 11 6.25 -2.57 8.52
CA ILE B 11 7.44 -2.36 9.34
C ILE B 11 8.18 -3.67 9.49
N VAL B 12 9.46 -3.68 9.14
CA VAL B 12 10.26 -4.89 9.34
C VAL B 12 11.28 -4.65 10.47
N GLY B 13 11.53 -5.73 11.21
CA GLY B 13 12.43 -5.70 12.33
C GLY B 13 11.68 -6.14 13.59
N PRO B 14 12.26 -5.89 14.79
CA PRO B 14 13.56 -5.23 14.99
C PRO B 14 14.78 -6.14 14.95
N TRP B 15 15.95 -5.55 14.67
CA TRP B 15 17.20 -6.30 14.71
C TRP B 15 17.97 -5.69 15.89
N GLY B 16 18.53 -6.55 16.74
CA GLY B 16 19.27 -6.11 17.91
C GLY B 16 18.57 -6.72 19.11
N ALA B 17 18.65 -6.12 20.28
CA ALA B 17 18.00 -6.71 21.44
C ALA B 17 16.51 -6.91 21.26
N LYS B 18 16.00 -8.06 21.69
CA LYS B 18 14.56 -8.32 21.60
C LYS B 18 13.96 -7.85 22.91
N GLY C 1 18.45 -23.32 -11.04
CA GLY C 1 17.75 -24.40 -11.75
C GLY C 1 16.51 -23.83 -12.41
N LYS C 2 15.46 -23.65 -11.63
CA LYS C 2 14.23 -23.11 -12.19
C LYS C 2 13.68 -22.00 -11.31
N ALA C 3 13.66 -20.79 -11.86
CA ALA C 3 13.16 -19.61 -11.15
C ALA C 3 11.63 -19.74 -11.05
N PHE C 4 11.09 -19.24 -9.95
CA PHE C 4 9.65 -19.24 -9.76
C PHE C 4 9.22 -17.91 -9.12
N ASP C 5 7.98 -17.54 -9.35
CA ASP C 5 7.43 -16.33 -8.79
C ASP C 5 5.95 -16.51 -8.65
N ASP C 6 5.47 -16.76 -7.43
CA ASP C 6 4.03 -16.94 -7.19
C ASP C 6 3.28 -15.62 -7.31
N GLY C 7 3.97 -14.50 -7.02
CA GLY C 7 3.28 -13.22 -7.07
C GLY C 7 2.60 -12.99 -5.72
N ALA C 8 1.70 -12.02 -5.64
CA ALA C 8 1.02 -11.66 -4.39
C ALA C 8 -0.42 -12.12 -4.29
N PHE C 9 -0.79 -12.45 -3.06
CA PHE C 9 -2.12 -12.91 -2.75
C PHE C 9 -2.69 -12.15 -1.54
N THR C 10 -3.71 -12.74 -0.90
CA THR C 10 -4.38 -12.12 0.23
C THR C 10 -3.83 -12.57 1.59
N GLY C 11 -3.16 -13.72 1.61
CA GLY C 11 -2.64 -14.25 2.87
C GLY C 11 -2.04 -15.64 2.64
N ILE C 12 -1.76 -16.38 3.72
CA ILE C 12 -1.17 -17.69 3.63
C ILE C 12 -1.97 -18.70 4.49
N ARG C 13 -2.40 -19.80 3.89
CA ARG C 13 -3.17 -20.82 4.62
C ARG C 13 -2.27 -22.01 4.94
N GLU C 14 -1.32 -22.32 4.07
CA GLU C 14 -0.46 -23.46 4.32
C GLU C 14 0.85 -23.43 3.56
N ILE C 15 1.90 -23.93 4.20
CA ILE C 15 3.17 -24.07 3.53
C ILE C 15 3.53 -25.54 3.52
N ASN C 16 3.94 -26.01 2.35
CA ASN C 16 4.34 -27.41 2.16
C ASN C 16 5.76 -27.47 1.62
N LEU C 17 6.72 -27.89 2.42
CA LEU C 17 8.05 -27.95 1.90
C LEU C 17 8.67 -29.28 2.26
N SER C 18 9.86 -29.53 1.72
CA SER C 18 10.55 -30.75 2.01
C SER C 18 12.02 -30.40 2.24
N TYR C 19 12.71 -31.25 2.99
CA TYR C 19 14.12 -30.98 3.26
C TYR C 19 14.81 -32.31 3.46
N ASN C 20 16.13 -32.26 3.57
CA ASN C 20 16.90 -33.46 3.79
C ASN C 20 18.01 -33.05 4.75
N LYS C 21 18.12 -33.80 5.84
CA LYS C 21 19.13 -33.55 6.87
C LYS C 21 20.57 -33.63 6.38
N GLU C 22 20.80 -34.24 5.22
CA GLU C 22 22.17 -34.32 4.69
C GLU C 22 22.48 -33.08 3.82
N THR C 23 21.42 -32.44 3.34
CA THR C 23 21.62 -31.34 2.47
C THR C 23 20.94 -30.00 2.81
N ALA C 24 19.79 -29.75 2.19
CA ALA C 24 19.12 -28.48 2.35
C ALA C 24 17.63 -28.62 2.02
N ILE C 25 16.92 -27.48 1.90
CA ILE C 25 15.50 -27.46 1.56
C ILE C 25 15.33 -27.90 0.09
N GLY C 26 14.29 -28.71 -0.17
CA GLY C 26 14.05 -29.19 -1.52
C GLY C 26 12.84 -28.58 -2.21
N ASP C 27 11.63 -29.11 -1.96
CA ASP C 27 10.44 -28.58 -2.63
C ASP C 27 9.82 -27.47 -1.76
N PHE C 28 9.07 -26.60 -2.41
CA PHE C 28 8.41 -25.52 -1.73
C PHE C 28 7.09 -25.24 -2.41
N GLN C 29 6.00 -25.25 -1.66
CA GLN C 29 4.67 -24.97 -2.22
C GLN C 29 3.81 -24.28 -1.19
N VAL C 30 2.99 -23.34 -1.64
CA VAL C 30 2.17 -22.59 -0.72
C VAL C 30 0.70 -22.62 -1.12
N VAL C 31 -0.17 -22.77 -0.13
CA VAL C 31 -1.59 -22.67 -0.41
C VAL C 31 -1.85 -21.26 0.13
N TYR C 32 -2.21 -20.33 -0.74
CA TYR C 32 -2.47 -18.96 -0.32
C TYR C 32 -3.94 -18.70 -0.02
N ASP C 33 -4.23 -17.56 0.59
CA ASP C 33 -5.62 -17.22 0.68
C ASP C 33 -5.75 -16.25 -0.49
N LEU C 34 -6.86 -16.34 -1.23
CA LEU C 34 -7.13 -15.38 -2.28
C LEU C 34 -8.55 -14.88 -2.05
N ASN C 35 -8.66 -13.67 -1.52
CA ASN C 35 -9.96 -13.07 -1.25
C ASN C 35 -10.94 -13.97 -0.47
N GLY C 36 -10.44 -14.67 0.54
CA GLY C 36 -11.31 -15.48 1.36
C GLY C 36 -11.37 -16.95 1.01
N SER C 37 -10.76 -17.33 -0.11
CA SER C 37 -10.75 -18.71 -0.54
C SER C 37 -9.35 -19.22 -0.77
N PRO C 38 -9.18 -20.54 -0.58
CA PRO C 38 -7.87 -21.16 -0.77
C PRO C 38 -7.49 -21.10 -2.25
N TYR C 39 -6.22 -20.78 -2.53
CA TYR C 39 -5.70 -20.79 -3.89
C TYR C 39 -4.48 -21.70 -3.73
N VAL C 40 -4.46 -22.79 -4.50
CA VAL C 40 -3.35 -23.75 -4.44
C VAL C 40 -2.16 -23.31 -5.31
N GLY C 41 -1.07 -22.92 -4.68
CA GLY C 41 0.06 -22.46 -5.44
C GLY C 41 0.77 -23.55 -6.25
N GLN C 42 1.57 -23.12 -7.21
CA GLN C 42 2.36 -24.04 -7.99
C GLN C 42 3.34 -24.71 -7.03
N ASN C 43 3.60 -26.00 -7.23
CA ASN C 43 4.54 -26.74 -6.39
C ASN C 43 5.88 -26.55 -7.09
N HIS C 44 6.86 -26.02 -6.37
CA HIS C 44 8.17 -25.80 -6.98
C HIS C 44 9.04 -26.93 -6.48
N LYS C 45 9.31 -27.89 -7.36
CA LYS C 45 10.06 -29.07 -6.97
C LYS C 45 11.49 -29.14 -7.39
N SER C 46 12.25 -29.77 -6.51
CA SER C 46 13.66 -30.01 -6.70
C SER C 46 13.76 -30.92 -7.91
N PHE C 47 14.89 -30.87 -8.59
CA PHE C 47 15.11 -31.75 -9.73
C PHE C 47 15.42 -33.15 -9.20
N ILE C 48 15.71 -33.27 -7.90
CA ILE C 48 15.99 -34.60 -7.37
C ILE C 48 14.96 -34.95 -6.33
N THR C 49 15.00 -36.17 -5.84
CA THR C 49 14.03 -36.59 -4.85
C THR C 49 14.71 -37.32 -3.69
N GLY C 50 13.90 -37.73 -2.72
CA GLY C 50 14.45 -38.38 -1.54
C GLY C 50 14.33 -37.47 -0.32
N PHE C 51 13.61 -36.35 -0.44
CA PHE C 51 13.41 -35.41 0.67
C PHE C 51 12.27 -35.82 1.62
N THR C 52 12.22 -35.20 2.79
CA THR C 52 11.18 -35.45 3.80
C THR C 52 10.16 -34.31 3.65
N PRO C 53 8.88 -34.62 3.40
CA PRO C 53 7.87 -33.57 3.25
C PRO C 53 7.27 -33.12 4.56
N VAL C 54 7.00 -31.83 4.70
CA VAL C 54 6.36 -31.39 5.92
C VAL C 54 5.28 -30.41 5.52
N LYS C 55 4.18 -30.44 6.26
CA LYS C 55 3.05 -29.57 6.03
C LYS C 55 2.87 -28.66 7.22
N ILE C 56 2.73 -27.36 6.95
CA ILE C 56 2.54 -26.34 7.95
C ILE C 56 1.14 -25.77 7.74
N SER C 57 0.15 -26.25 8.46
CA SER C 57 -1.19 -25.75 8.28
C SER C 57 -1.52 -24.64 9.27
N LEU C 58 -1.66 -23.43 8.76
CA LEU C 58 -1.96 -22.32 9.63
C LEU C 58 -3.44 -22.13 9.87
N ASP C 59 -3.80 -21.77 11.10
CA ASP C 59 -5.18 -21.49 11.41
C ASP C 59 -5.56 -20.10 10.87
N PHE C 60 -5.62 -19.98 9.54
CA PHE C 60 -5.97 -18.73 8.84
C PHE C 60 -7.45 -18.40 9.11
N PRO C 61 -7.78 -17.11 9.35
CA PRO C 61 -6.93 -15.92 9.39
C PRO C 61 -6.32 -15.46 10.73
N SER C 62 -6.66 -16.13 11.83
CA SER C 62 -6.14 -15.69 13.12
C SER C 62 -4.63 -15.88 13.28
N GLU C 63 -4.10 -16.96 12.73
CA GLU C 63 -2.67 -17.22 12.82
C GLU C 63 -1.95 -16.74 11.56
N TYR C 64 -0.82 -16.04 11.75
CA TYR C 64 -0.03 -15.54 10.65
C TYR C 64 1.46 -15.47 10.99
N ILE C 65 2.27 -15.67 9.97
CA ILE C 65 3.72 -15.67 10.18
C ILE C 65 4.19 -14.29 10.60
N MET C 66 5.03 -14.23 11.64
CA MET C 66 5.59 -12.98 12.15
C MET C 66 7.09 -12.92 11.94
N GLU C 67 7.68 -14.10 11.68
CA GLU C 67 9.11 -14.17 11.38
C GLU C 67 9.53 -15.40 10.61
N VAL C 68 10.43 -15.18 9.65
CA VAL C 68 10.96 -16.25 8.83
C VAL C 68 12.47 -16.19 9.01
N SER C 69 13.09 -17.33 9.24
CA SER C 69 14.53 -17.35 9.38
C SER C 69 15.09 -18.69 8.94
N GLY C 70 16.41 -18.77 8.88
CA GLY C 70 17.06 -20.03 8.51
C GLY C 70 18.54 -19.90 8.26
N TYR C 71 19.10 -20.83 7.51
CA TYR C 71 20.52 -20.80 7.20
C TYR C 71 20.85 -20.99 5.73
N THR C 72 21.92 -20.34 5.27
CA THR C 72 22.39 -20.49 3.90
C THR C 72 23.83 -20.99 3.98
N GLY C 73 24.16 -21.95 3.14
CA GLY C 73 25.51 -22.48 3.19
C GLY C 73 25.76 -23.37 2.01
N ASN C 74 27.02 -23.78 1.85
CA ASN C 74 27.43 -24.64 0.75
C ASN C 74 26.94 -26.08 0.85
N VAL C 75 26.51 -26.61 -0.29
CA VAL C 75 26.07 -27.99 -0.39
C VAL C 75 26.61 -28.44 -1.72
N SER C 76 27.59 -29.34 -1.66
CA SER C 76 28.25 -29.88 -2.84
C SER C 76 28.49 -28.80 -3.91
N GLY C 77 29.08 -27.68 -3.51
CA GLY C 77 29.39 -26.63 -4.49
C GLY C 77 28.40 -25.52 -4.77
N TYR C 78 27.24 -25.55 -4.11
CA TYR C 78 26.22 -24.52 -4.28
C TYR C 78 25.85 -23.92 -2.94
N VAL C 79 25.63 -22.62 -2.92
CA VAL C 79 25.22 -21.98 -1.68
C VAL C 79 23.70 -21.90 -1.79
N VAL C 80 23.01 -22.57 -0.89
CA VAL C 80 21.56 -22.64 -0.94
C VAL C 80 20.99 -22.45 0.45
N VAL C 81 19.66 -22.43 0.55
CA VAL C 81 19.00 -22.29 1.85
C VAL C 81 18.97 -23.70 2.43
N ARG C 82 19.75 -23.92 3.48
CA ARG C 82 19.83 -25.25 4.08
C ARG C 82 18.79 -25.51 5.16
N SER C 83 18.23 -24.43 5.71
CA SER C 83 17.24 -24.53 6.78
C SER C 83 16.24 -23.36 6.81
N LEU C 84 14.99 -23.67 7.20
CA LEU C 84 13.91 -22.67 7.29
C LEU C 84 13.15 -22.79 8.61
N THR C 85 12.73 -21.64 9.12
CA THR C 85 11.94 -21.61 10.34
C THR C 85 10.88 -20.56 10.19
N PHE C 86 9.63 -20.91 10.51
CA PHE C 86 8.48 -20.00 10.43
C PHE C 86 7.83 -19.85 11.79
N LYS C 87 7.88 -18.64 12.34
CA LYS C 87 7.26 -18.35 13.63
C LYS C 87 5.98 -17.52 13.44
N THR C 88 4.84 -18.05 13.89
CA THR C 88 3.61 -17.33 13.76
C THR C 88 3.29 -16.64 15.07
N ASN C 89 2.16 -15.94 15.12
CA ASN C 89 1.78 -15.27 16.38
C ASN C 89 1.36 -16.35 17.37
N LYS C 90 1.17 -17.56 16.87
CA LYS C 90 0.75 -18.69 17.67
C LYS C 90 1.86 -19.68 18.06
N LYS C 91 2.73 -20.04 17.13
CA LYS C 91 3.79 -20.98 17.46
C LYS C 91 4.94 -20.92 16.47
N THR C 92 5.96 -21.74 16.71
CA THR C 92 7.11 -21.83 15.82
C THR C 92 7.11 -23.20 15.10
N TYR C 93 7.35 -23.18 13.79
CA TYR C 93 7.43 -24.41 12.99
C TYR C 93 8.83 -24.52 12.44
N GLY C 94 9.51 -25.61 12.77
CA GLY C 94 10.88 -25.78 12.33
C GLY C 94 11.77 -25.59 13.53
N PRO C 95 13.09 -25.53 13.36
CA PRO C 95 13.88 -25.61 12.13
C PRO C 95 13.70 -26.90 11.33
N TYR C 96 13.69 -26.74 10.01
CA TYR C 96 13.58 -27.86 9.07
C TYR C 96 14.82 -27.72 8.27
N GLY C 97 15.56 -28.81 8.15
CA GLY C 97 16.77 -28.76 7.36
C GLY C 97 17.94 -28.85 8.30
N VAL C 98 19.07 -28.29 7.89
CA VAL C 98 20.30 -28.33 8.67
C VAL C 98 20.71 -26.94 9.12
N THR C 99 20.70 -26.69 10.43
CA THR C 99 21.04 -25.35 10.91
C THR C 99 22.53 -25.02 10.90
N SER C 100 23.17 -25.13 9.74
CA SER C 100 24.60 -24.82 9.60
C SER C 100 24.81 -23.76 8.52
N GLY C 101 25.76 -22.85 8.76
CA GLY C 101 26.06 -21.83 7.76
C GLY C 101 25.88 -20.45 8.33
N THR C 102 25.55 -19.46 7.49
CA THR C 102 25.34 -18.15 8.05
C THR C 102 23.84 -17.94 8.18
N PRO C 103 23.40 -17.36 9.30
CA PRO C 103 21.94 -17.16 9.44
C PRO C 103 21.36 -15.89 8.79
N PHE C 104 20.03 -15.86 8.73
CA PHE C 104 19.32 -14.72 8.21
C PHE C 104 17.99 -14.76 8.92
N ASN C 105 17.39 -13.59 9.06
CA ASN C 105 16.09 -13.50 9.72
C ASN C 105 15.30 -12.26 9.32
N LEU C 106 14.00 -12.49 9.06
CA LEU C 106 13.09 -11.42 8.69
C LEU C 106 11.94 -11.34 9.65
N PRO C 107 12.07 -10.47 10.66
CA PRO C 107 11.03 -10.26 11.66
C PRO C 107 10.09 -9.20 11.05
N ILE C 108 8.79 -9.35 11.26
CA ILE C 108 7.81 -8.41 10.72
C ILE C 108 7.05 -7.84 11.87
N GLU C 109 7.11 -6.52 11.99
CA GLU C 109 6.43 -5.79 13.05
C GLU C 109 5.00 -5.37 12.66
N ASN C 110 4.79 -5.13 11.37
CA ASN C 110 3.49 -4.76 10.84
C ASN C 110 3.47 -5.14 9.37
N GLY C 111 2.38 -5.78 8.95
CA GLY C 111 2.24 -6.22 7.59
C GLY C 111 2.17 -7.74 7.54
N LEU C 112 2.18 -8.29 6.33
CA LEU C 112 2.04 -9.73 6.13
C LEU C 112 2.84 -10.20 4.93
N ILE C 113 3.28 -11.46 4.96
CA ILE C 113 3.94 -12.02 3.82
C ILE C 113 2.74 -12.47 2.94
N VAL C 114 2.73 -12.06 1.67
CA VAL C 114 1.60 -12.39 0.77
C VAL C 114 2.01 -13.13 -0.51
N GLY C 115 3.27 -13.56 -0.56
CA GLY C 115 3.76 -14.26 -1.74
C GLY C 115 5.23 -14.62 -1.61
N PHE C 116 5.66 -15.57 -2.44
CA PHE C 116 7.04 -16.03 -2.42
C PHE C 116 7.56 -16.12 -3.85
N LYS C 117 8.84 -15.82 -4.03
CA LYS C 117 9.48 -16.01 -5.33
C LYS C 117 10.88 -16.59 -5.03
N GLY C 118 11.55 -17.11 -6.04
CA GLY C 118 12.88 -17.66 -5.80
C GLY C 118 13.38 -18.57 -6.92
N SER C 119 14.19 -19.55 -6.54
CA SER C 119 14.74 -20.50 -7.51
C SER C 119 15.14 -21.80 -6.82
N ILE C 120 14.79 -22.90 -7.47
CA ILE C 120 15.12 -24.22 -6.96
C ILE C 120 15.71 -25.06 -8.08
N GLY C 121 16.87 -25.64 -7.78
CA GLY C 121 17.57 -26.55 -8.69
C GLY C 121 17.49 -27.88 -7.94
N TYR C 122 18.61 -28.36 -7.42
CA TYR C 122 18.55 -29.58 -6.60
C TYR C 122 17.95 -29.14 -5.26
N TRP C 123 18.26 -27.92 -4.87
CA TRP C 123 17.78 -27.35 -3.61
C TRP C 123 17.26 -25.93 -3.77
N LEU C 124 16.75 -25.35 -2.70
CA LEU C 124 16.26 -23.98 -2.77
C LEU C 124 17.52 -23.04 -2.78
N ASP C 125 17.85 -22.47 -3.93
CA ASP C 125 19.05 -21.60 -4.00
C ASP C 125 18.85 -20.27 -3.25
N TYR C 126 17.66 -19.71 -3.41
CA TYR C 126 17.36 -18.43 -2.79
C TYR C 126 15.87 -18.13 -2.89
N PHE C 127 15.40 -17.18 -2.10
CA PHE C 127 14.00 -16.82 -2.15
C PHE C 127 13.78 -15.39 -1.66
N SER C 128 12.65 -14.80 -2.08
CA SER C 128 12.25 -13.45 -1.67
C SER C 128 10.77 -13.50 -1.24
N MET C 129 10.35 -12.49 -0.49
CA MET C 129 8.98 -12.45 -0.04
C MET C 129 8.29 -11.14 -0.37
N TYR C 130 7.01 -11.27 -0.72
CA TYR C 130 6.14 -10.15 -0.97
C TYR C 130 5.56 -9.72 0.37
N LEU C 131 5.62 -8.42 0.67
CA LEU C 131 5.10 -7.91 1.94
C LEU C 131 3.99 -6.89 1.69
N SER C 132 2.94 -6.95 2.48
CA SER C 132 1.84 -6.03 2.28
C SER C 132 0.98 -5.83 3.50
N LEU C 133 0.17 -4.77 3.52
CA LEU C 133 -0.78 -4.60 4.63
C LEU C 133 -2.05 -5.33 4.10
N GLN D 3 2.85 4.93 -15.67
CA GLN D 3 2.24 3.76 -14.91
C GLN D 3 1.98 2.44 -15.65
N SER D 4 2.02 1.33 -14.94
CA SER D 4 1.77 0.05 -15.56
C SER D 4 0.35 -0.36 -15.21
N GLY D 5 -0.19 -1.31 -15.95
CA GLY D 5 -1.54 -1.79 -15.64
C GLY D 5 -1.41 -2.95 -14.67
N ILE D 6 -0.21 -3.14 -14.12
CA ILE D 6 0.09 -4.23 -13.19
C ILE D 6 0.31 -3.73 -11.77
N SER D 7 -0.49 -4.24 -10.83
CA SER D 7 -0.38 -3.88 -9.44
C SER D 7 1.02 -4.23 -8.85
N GLN D 8 1.58 -3.40 -7.99
CA GLN D 8 2.89 -3.75 -7.41
C GLN D 8 2.88 -3.87 -5.90
N THR D 9 3.83 -4.61 -5.37
CA THR D 9 3.89 -4.76 -3.93
C THR D 9 5.33 -4.84 -3.44
N VAL D 10 5.51 -4.55 -2.15
CA VAL D 10 6.85 -4.56 -1.58
C VAL D 10 7.42 -5.97 -1.61
N ILE D 11 8.69 -6.06 -2.03
CA ILE D 11 9.38 -7.34 -2.06
C ILE D 11 10.76 -7.23 -1.38
N VAL D 12 11.00 -8.09 -0.37
CA VAL D 12 12.28 -8.16 0.35
C VAL D 12 12.96 -9.50 0.08
N GLY D 13 14.27 -9.44 0.03
CA GLY D 13 15.09 -10.60 -0.27
C GLY D 13 15.85 -10.22 -1.53
N PRO D 14 16.54 -11.16 -2.16
CA PRO D 14 16.60 -12.55 -1.71
C PRO D 14 17.61 -12.95 -0.64
N TRP D 15 17.30 -14.07 0.00
CA TRP D 15 18.23 -14.66 0.96
C TRP D 15 18.61 -16.01 0.31
N GLY D 16 19.89 -16.40 0.42
CA GLY D 16 20.38 -17.64 -0.16
C GLY D 16 21.50 -17.51 -1.19
N ALA D 17 21.96 -16.28 -1.40
CA ALA D 17 22.99 -15.92 -2.39
C ALA D 17 22.22 -14.85 -3.12
N LYS D 18 22.84 -14.01 -3.93
CA LYS D 18 22.02 -13.04 -4.63
C LYS D 18 21.28 -13.78 -5.77
N GLY E 1 -4.77 30.12 -12.26
CA GLY E 1 -4.63 30.15 -10.79
C GLY E 1 -3.37 29.43 -10.35
N LYS E 2 -3.20 29.24 -9.05
CA LYS E 2 -2.03 28.56 -8.52
C LYS E 2 -2.31 27.11 -8.14
N ALA E 3 -1.53 26.21 -8.73
CA ALA E 3 -1.67 24.80 -8.42
C ALA E 3 -0.98 24.51 -7.11
N PHE E 4 -1.55 23.57 -6.36
CA PHE E 4 -0.95 23.14 -5.11
C PHE E 4 -0.98 21.60 -5.02
N ASP E 5 -0.02 21.10 -4.25
CA ASP E 5 0.07 19.69 -3.98
C ASP E 5 0.65 19.47 -2.58
N ASP E 6 -0.20 19.13 -1.62
CA ASP E 6 0.27 18.87 -0.27
C ASP E 6 1.04 17.55 -0.13
N GLY E 7 0.72 16.57 -0.99
CA GLY E 7 1.38 15.29 -0.89
C GLY E 7 0.64 14.42 0.13
N ALA E 8 1.29 13.36 0.62
CA ALA E 8 0.66 12.42 1.55
C ALA E 8 1.20 12.46 2.96
N PHE E 9 0.29 12.24 3.89
CA PHE E 9 0.58 12.25 5.29
C PHE E 9 0.02 11.00 5.97
N THR E 10 -0.14 11.04 7.30
CA THR E 10 -0.66 9.85 7.96
C THR E 10 -2.13 9.96 8.35
N GLY E 11 -2.72 11.11 8.08
CA GLY E 11 -4.12 11.34 8.38
C GLY E 11 -4.51 12.81 8.41
N ILE E 12 -5.76 13.06 8.78
CA ILE E 12 -6.27 14.43 8.85
C ILE E 12 -6.79 14.78 10.24
N ARG E 13 -6.33 15.91 10.77
CA ARG E 13 -6.80 16.37 12.08
C ARG E 13 -7.79 17.54 11.92
N GLU E 14 -7.60 18.35 10.89
CA GLU E 14 -8.49 19.50 10.71
C GLU E 14 -8.54 20.05 9.28
N ILE E 15 -9.71 20.54 8.86
CA ILE E 15 -9.83 21.20 7.58
C ILE E 15 -10.37 22.60 7.83
N ASN E 16 -9.71 23.58 7.21
CA ASN E 16 -10.05 25.01 7.30
C ASN E 16 -10.24 25.59 5.91
N LEU E 17 -11.48 25.78 5.49
CA LEU E 17 -11.69 26.34 4.16
C LEU E 17 -12.55 27.58 4.29
N SER E 18 -12.79 28.25 3.19
CA SER E 18 -13.63 29.42 3.23
C SER E 18 -14.52 29.32 2.02
N TYR E 19 -15.67 29.95 2.08
CA TYR E 19 -16.60 29.90 0.95
C TYR E 19 -17.44 31.17 0.93
N ASN E 20 -18.19 31.32 -0.15
CA ASN E 20 -19.05 32.48 -0.30
C ASN E 20 -20.34 31.96 -0.91
N LYS E 21 -21.44 32.22 -0.22
CA LYS E 21 -22.77 31.77 -0.63
C LYS E 21 -23.23 32.17 -2.02
N GLU E 22 -22.53 33.11 -2.66
CA GLU E 22 -22.88 33.58 -4.00
C GLU E 22 -21.94 33.03 -5.09
N THR E 23 -20.80 32.50 -4.68
CA THR E 23 -19.85 32.00 -5.63
C THR E 23 -19.46 30.53 -5.39
N ALA E 24 -18.31 30.34 -4.75
CA ALA E 24 -17.77 29.02 -4.52
C ALA E 24 -16.77 28.91 -3.36
N ILE E 25 -16.08 27.78 -3.30
CA ILE E 25 -15.07 27.53 -2.29
C ILE E 25 -13.90 28.51 -2.57
N GLY E 26 -13.33 29.08 -1.51
CA GLY E 26 -12.22 30.01 -1.67
C GLY E 26 -10.89 29.46 -1.18
N ASP E 27 -10.64 29.55 0.11
CA ASP E 27 -9.40 29.05 0.68
C ASP E 27 -9.52 27.60 1.14
N PHE E 28 -8.38 26.93 1.22
CA PHE E 28 -8.31 25.54 1.65
C PHE E 28 -6.97 25.28 2.33
N GLN E 29 -7.03 24.79 3.56
CA GLN E 29 -5.85 24.46 4.35
C GLN E 29 -6.15 23.26 5.20
N VAL E 30 -5.21 22.34 5.34
CA VAL E 30 -5.43 21.14 6.14
C VAL E 30 -4.39 20.99 7.22
N VAL E 31 -4.84 20.62 8.43
CA VAL E 31 -3.87 20.33 9.47
C VAL E 31 -3.82 18.81 9.42
N TYR E 32 -2.73 18.28 8.89
CA TYR E 32 -2.61 16.84 8.82
C TYR E 32 -2.04 16.23 10.10
N ASP E 33 -2.09 14.91 10.15
CA ASP E 33 -1.45 14.16 11.19
C ASP E 33 -0.21 13.65 10.45
N LEU E 34 0.94 13.71 11.11
CA LEU E 34 2.13 13.17 10.53
C LEU E 34 2.73 12.36 11.63
N ASN E 35 2.61 11.04 11.51
CA ASN E 35 3.14 10.11 12.51
C ASN E 35 2.77 10.39 13.97
N GLY E 36 1.52 10.77 14.20
CA GLY E 36 1.01 11.03 15.56
C GLY E 36 1.06 12.46 16.07
N SER E 37 1.68 13.35 15.29
CA SER E 37 1.81 14.75 15.62
C SER E 37 1.18 15.64 14.53
N PRO E 38 0.62 16.79 14.91
CA PRO E 38 0.02 17.65 13.90
C PRO E 38 1.10 18.19 12.95
N TYR E 39 0.71 18.36 11.68
CA TYR E 39 1.57 18.96 10.66
C TYR E 39 0.68 20.02 10.02
N VAL E 40 1.05 21.28 10.19
CA VAL E 40 0.24 22.39 9.65
C VAL E 40 0.53 22.58 8.16
N GLY E 41 -0.48 22.24 7.35
CA GLY E 41 -0.31 22.37 5.92
C GLY E 41 -0.29 23.79 5.40
N GLN E 42 0.18 23.95 4.18
CA GLN E 42 0.21 25.25 3.56
C GLN E 42 -1.24 25.69 3.35
N ASN E 43 -1.50 26.98 3.57
CA ASN E 43 -2.82 27.59 3.40
C ASN E 43 -2.91 27.98 1.92
N HIS E 44 -3.84 27.37 1.18
CA HIS E 44 -3.96 27.65 -0.23
C HIS E 44 -5.07 28.69 -0.35
N LYS E 45 -4.66 29.93 -0.60
CA LYS E 45 -5.58 31.06 -0.67
C LYS E 45 -6.03 31.58 -2.03
N SER E 46 -7.26 32.04 -2.05
CA SER E 46 -7.86 32.66 -3.23
C SER E 46 -7.07 33.94 -3.50
N PHE E 47 -7.17 34.40 -4.74
CA PHE E 47 -6.51 35.65 -5.17
C PHE E 47 -7.37 36.82 -4.72
N ILE E 48 -8.61 36.53 -4.28
CA ILE E 48 -9.48 37.58 -3.77
C ILE E 48 -9.89 37.28 -2.33
N THR E 49 -10.60 38.20 -1.70
CA THR E 49 -10.97 37.99 -0.32
C THR E 49 -12.41 38.34 -0.19
N GLY E 50 -12.95 38.14 1.00
CA GLY E 50 -14.35 38.40 1.26
C GLY E 50 -15.09 37.09 1.59
N PHE E 51 -14.38 35.99 1.75
CA PHE E 51 -15.04 34.71 2.07
C PHE E 51 -15.32 34.51 3.55
N THR E 52 -16.16 33.50 3.82
CA THR E 52 -16.55 33.09 5.16
C THR E 52 -15.69 31.88 5.52
N PRO E 53 -14.82 32.02 6.54
CA PRO E 53 -13.95 30.93 6.96
C PRO E 53 -14.68 29.93 7.82
N VAL E 54 -14.26 28.68 7.73
CA VAL E 54 -14.91 27.63 8.47
C VAL E 54 -13.81 26.70 8.98
N LYS E 55 -14.01 26.13 10.15
CA LYS E 55 -13.07 25.19 10.72
C LYS E 55 -13.79 23.88 11.02
N ILE E 56 -13.19 22.78 10.59
CA ILE E 56 -13.73 21.43 10.80
C ILE E 56 -12.68 20.71 11.65
N SER E 57 -12.91 20.59 12.96
CA SER E 57 -11.93 19.93 13.82
C SER E 57 -12.31 18.50 14.11
N LEU E 58 -11.51 17.57 13.59
CA LEU E 58 -11.82 16.17 13.78
C LEU E 58 -11.28 15.55 15.07
N ASP E 59 -12.05 14.65 15.67
CA ASP E 59 -11.60 13.97 16.90
C ASP E 59 -10.68 12.80 16.46
N PHE E 60 -9.50 13.16 15.94
CA PHE E 60 -8.51 12.20 15.46
C PHE E 60 -7.88 11.53 16.71
N PRO E 61 -7.53 10.24 16.62
CA PRO E 61 -7.71 9.41 15.43
C PRO E 61 -9.02 8.65 15.33
N SER E 62 -9.89 8.73 16.34
CA SER E 62 -11.17 7.99 16.26
C SER E 62 -12.12 8.48 15.17
N GLU E 63 -12.14 9.78 14.91
CA GLU E 63 -12.98 10.26 13.84
C GLU E 63 -12.21 10.46 12.53
N TYR E 64 -12.80 10.02 11.42
CA TYR E 64 -12.13 10.20 10.13
C TYR E 64 -13.13 10.31 8.99
N ILE E 65 -12.76 11.02 7.94
CA ILE E 65 -13.67 11.20 6.81
C ILE E 65 -13.97 9.88 6.08
N MET E 66 -15.25 9.70 5.78
CA MET E 66 -15.77 8.53 5.08
C MET E 66 -16.35 8.83 3.71
N GLU E 67 -16.70 10.10 3.50
CA GLU E 67 -17.23 10.56 2.24
C GLU E 67 -17.05 12.05 2.03
N VAL E 68 -16.63 12.39 0.83
CA VAL E 68 -16.43 13.77 0.47
C VAL E 68 -17.31 13.94 -0.74
N SER E 69 -18.09 15.02 -0.75
CA SER E 69 -18.94 15.27 -1.90
C SER E 69 -19.15 16.75 -2.02
N GLY E 70 -19.76 17.16 -3.13
CA GLY E 70 -20.03 18.56 -3.33
C GLY E 70 -20.56 18.82 -4.72
N TYR E 71 -20.39 20.06 -5.16
CA TYR E 71 -20.85 20.45 -6.49
C TYR E 71 -19.86 21.23 -7.34
N THR E 72 -19.83 20.95 -8.64
CA THR E 72 -19.01 21.76 -9.53
C THR E 72 -19.99 22.54 -10.41
N GLY E 73 -19.61 23.77 -10.75
CA GLY E 73 -20.46 24.59 -11.59
C GLY E 73 -19.79 25.87 -12.07
N ASN E 74 -20.55 26.71 -12.78
CA ASN E 74 -20.02 27.94 -13.34
C ASN E 74 -20.13 29.14 -12.42
N VAL E 75 -19.05 29.92 -12.37
CA VAL E 75 -19.01 31.13 -11.58
C VAL E 75 -18.21 32.10 -12.46
N SER E 76 -18.88 33.10 -13.01
CA SER E 76 -18.22 34.08 -13.88
C SER E 76 -17.49 33.40 -15.04
N GLY E 77 -18.06 32.35 -15.61
CA GLY E 77 -17.38 31.70 -16.73
C GLY E 77 -16.34 30.62 -16.41
N TYR E 78 -16.10 30.31 -15.13
CA TYR E 78 -15.11 29.28 -14.79
C TYR E 78 -15.79 28.12 -14.13
N VAL E 79 -15.43 26.90 -14.52
CA VAL E 79 -16.01 25.72 -13.88
C VAL E 79 -15.15 25.56 -12.63
N VAL E 80 -15.76 25.59 -11.45
CA VAL E 80 -15.01 25.49 -10.20
C VAL E 80 -15.78 24.64 -9.20
N VAL E 81 -15.21 24.43 -8.01
CA VAL E 81 -15.91 23.65 -6.97
C VAL E 81 -16.75 24.62 -6.15
N ARG E 82 -18.07 24.54 -6.29
CA ARG E 82 -18.91 25.47 -5.58
C ARG E 82 -19.33 25.08 -4.19
N SER E 83 -19.24 23.79 -3.86
CA SER E 83 -19.67 23.32 -2.55
C SER E 83 -18.91 22.06 -2.16
N LEU E 84 -18.68 21.89 -0.87
CA LEU E 84 -18.05 20.70 -0.33
C LEU E 84 -18.79 20.27 0.94
N THR E 85 -18.74 18.98 1.18
CA THR E 85 -19.36 18.38 2.35
C THR E 85 -18.46 17.23 2.76
N PHE E 86 -18.06 17.22 4.03
CA PHE E 86 -17.24 16.15 4.53
C PHE E 86 -18.08 15.40 5.55
N LYS E 87 -18.20 14.10 5.37
CA LYS E 87 -18.96 13.27 6.29
C LYS E 87 -17.95 12.30 6.89
N THR E 88 -17.88 12.30 8.24
CA THR E 88 -17.03 11.38 8.98
C THR E 88 -17.89 10.23 9.58
N ASN E 89 -17.23 9.28 10.24
CA ASN E 89 -17.97 8.20 10.89
C ASN E 89 -18.80 8.77 12.05
N LYS E 90 -18.63 10.07 12.34
CA LYS E 90 -19.35 10.67 13.45
C LYS E 90 -20.31 11.81 13.09
N LYS E 91 -20.03 12.56 12.04
CA LYS E 91 -20.98 13.59 11.66
C LYS E 91 -20.76 14.13 10.28
N THR E 92 -21.63 15.05 9.87
CA THR E 92 -21.50 15.68 8.59
C THR E 92 -21.14 17.16 8.77
N TYR E 93 -20.12 17.61 8.03
CA TYR E 93 -19.69 19.01 8.09
C TYR E 93 -20.07 19.59 6.73
N GLY E 94 -20.90 20.62 6.71
CA GLY E 94 -21.31 21.18 5.43
C GLY E 94 -22.76 20.84 5.11
N PRO E 95 -23.24 21.14 3.89
CA PRO E 95 -22.48 21.74 2.80
C PRO E 95 -21.99 23.15 2.99
N TYR E 96 -20.81 23.44 2.44
CA TYR E 96 -20.28 24.79 2.52
C TYR E 96 -20.28 25.28 1.09
N GLY E 97 -20.99 26.37 0.85
CA GLY E 97 -21.05 26.92 -0.50
C GLY E 97 -22.38 26.70 -1.18
N VAL E 98 -22.40 26.90 -2.47
CA VAL E 98 -23.61 26.79 -3.27
C VAL E 98 -23.81 25.39 -3.82
N THR E 99 -24.84 24.72 -3.33
CA THR E 99 -25.13 23.36 -3.76
C THR E 99 -25.91 23.36 -5.06
N SER E 100 -25.23 23.79 -6.11
CA SER E 100 -25.87 23.85 -7.39
C SER E 100 -24.85 23.50 -8.44
N GLY E 101 -25.29 22.86 -9.51
CA GLY E 101 -24.39 22.49 -10.58
C GLY E 101 -24.37 20.99 -10.69
N THR E 102 -23.21 20.41 -10.97
CA THR E 102 -23.12 18.97 -11.09
C THR E 102 -22.55 18.36 -9.81
N PRO E 103 -23.27 17.37 -9.25
CA PRO E 103 -22.78 16.72 -8.02
C PRO E 103 -21.66 15.71 -8.24
N PHE E 104 -20.88 15.48 -7.19
CA PHE E 104 -19.84 14.47 -7.25
C PHE E 104 -19.76 13.95 -5.85
N ASN E 105 -19.32 12.71 -5.68
CA ASN E 105 -19.18 12.19 -4.34
C ASN E 105 -18.19 11.06 -4.34
N LEU E 106 -17.39 11.01 -3.28
CA LEU E 106 -16.38 9.94 -3.11
C LEU E 106 -16.58 9.24 -1.79
N PRO E 107 -17.36 8.15 -1.78
CA PRO E 107 -17.54 7.42 -0.51
C PRO E 107 -16.32 6.51 -0.39
N ILE E 108 -15.86 6.29 0.83
CA ILE E 108 -14.73 5.41 1.02
C ILE E 108 -15.21 4.26 1.89
N GLU E 109 -15.07 3.05 1.39
CA GLU E 109 -15.51 1.89 2.14
C GLU E 109 -14.38 1.36 3.03
N ASN E 110 -13.16 1.45 2.52
CA ASN E 110 -12.01 1.04 3.29
C ASN E 110 -10.84 1.97 2.88
N GLY E 111 -10.12 2.49 3.86
CA GLY E 111 -9.03 3.38 3.50
C GLY E 111 -9.22 4.78 4.07
N LEU E 112 -8.22 5.65 3.84
CA LEU E 112 -8.22 7.00 4.38
C LEU E 112 -7.73 8.04 3.40
N ILE E 113 -8.24 9.26 3.54
CA ILE E 113 -7.78 10.33 2.69
C ILE E 113 -6.55 10.80 3.49
N VAL E 114 -5.42 10.97 2.81
CA VAL E 114 -4.20 11.38 3.52
C VAL E 114 -3.46 12.56 2.87
N GLY E 115 -4.13 13.24 1.93
CA GLY E 115 -3.49 14.37 1.26
C GLY E 115 -4.43 14.97 0.25
N PHE E 116 -4.15 16.22 -0.12
CA PHE E 116 -4.94 16.97 -1.09
C PHE E 116 -4.00 17.70 -2.07
N LYS E 117 -4.51 17.91 -3.27
CA LYS E 117 -3.82 18.67 -4.31
C LYS E 117 -4.91 19.28 -5.19
N GLY E 118 -4.54 20.28 -5.97
CA GLY E 118 -5.53 20.94 -6.81
C GLY E 118 -5.02 22.28 -7.29
N SER E 119 -5.95 23.22 -7.49
CA SER E 119 -5.59 24.55 -7.93
C SER E 119 -6.66 25.58 -7.54
N ILE E 120 -6.18 26.74 -7.10
CA ILE E 120 -7.05 27.85 -6.71
C ILE E 120 -6.65 29.19 -7.32
N GLY E 121 -7.66 29.80 -7.94
CA GLY E 121 -7.55 31.12 -8.58
C GLY E 121 -8.39 32.01 -7.70
N TYR E 122 -9.47 32.53 -8.25
CA TYR E 122 -10.39 33.34 -7.46
C TYR E 122 -11.10 32.31 -6.58
N TRP E 123 -11.30 31.10 -7.14
CA TRP E 123 -11.96 29.98 -6.44
C TRP E 123 -11.23 28.64 -6.63
N LEU E 124 -11.66 27.62 -5.89
CA LEU E 124 -11.07 26.29 -6.02
C LEU E 124 -11.51 25.74 -7.37
N ASP E 125 -10.58 25.68 -8.31
CA ASP E 125 -10.92 25.19 -9.66
C ASP E 125 -11.14 23.68 -9.75
N TYR E 126 -10.27 22.92 -9.07
CA TYR E 126 -10.32 21.45 -9.03
C TYR E 126 -9.44 20.92 -7.91
N PHE E 127 -9.71 19.70 -7.46
CA PHE E 127 -8.90 19.06 -6.42
C PHE E 127 -8.91 17.55 -6.56
N SER E 128 -7.89 16.91 -5.99
CA SER E 128 -7.77 15.45 -6.00
C SER E 128 -7.40 15.06 -4.57
N MET E 129 -7.49 13.77 -4.26
CA MET E 129 -7.16 13.28 -2.93
C MET E 129 -6.27 12.06 -2.93
N TYR E 130 -5.33 12.03 -2.00
CA TYR E 130 -4.45 10.89 -1.84
C TYR E 130 -5.22 9.90 -0.95
N LEU E 131 -5.17 8.60 -1.27
CA LEU E 131 -5.88 7.59 -0.48
C LEU E 131 -4.90 6.53 -0.09
N SER E 132 -5.03 6.05 1.13
CA SER E 132 -4.12 5.03 1.62
C SER E 132 -4.71 4.18 2.74
N LEU E 133 -4.10 3.05 3.02
CA LEU E 133 -4.49 2.24 4.18
C LEU E 133 -3.57 2.87 5.27
N SER F 4 12.11 4.93 -8.46
CA SER F 4 12.72 6.16 -7.82
C SER F 4 12.66 6.10 -6.30
N GLY F 5 13.35 7.05 -5.69
CA GLY F 5 13.37 7.12 -4.25
C GLY F 5 12.23 7.87 -3.62
N ILE F 6 11.18 8.18 -4.40
CA ILE F 6 10.02 8.87 -3.90
C ILE F 6 8.84 7.89 -3.68
N SER F 7 8.34 7.79 -2.45
CA SER F 7 7.22 6.93 -2.17
C SER F 7 5.94 7.35 -2.96
N GLN F 8 5.10 6.40 -3.32
CA GLN F 8 3.86 6.77 -4.05
C GLN F 8 2.63 6.35 -3.32
N THR F 9 1.53 6.94 -3.75
CA THR F 9 0.25 6.77 -3.12
C THR F 9 -0.86 6.86 -4.15
N VAL F 10 -1.93 6.11 -3.93
CA VAL F 10 -3.08 6.18 -4.81
C VAL F 10 -3.62 7.61 -4.80
N ILE F 11 -3.97 8.13 -5.97
CA ILE F 11 -4.58 9.47 -6.03
C ILE F 11 -5.86 9.40 -6.90
N VAL F 12 -6.97 9.94 -6.39
CA VAL F 12 -8.22 9.94 -7.17
C VAL F 12 -8.58 11.40 -7.37
N GLY F 13 -9.15 11.66 -8.54
CA GLY F 13 -9.54 13.00 -8.91
C GLY F 13 -8.92 13.27 -10.28
N PRO F 14 -8.98 14.52 -10.74
CA PRO F 14 -9.62 15.57 -9.95
C PRO F 14 -11.12 15.79 -10.18
N TRP F 15 -11.73 16.53 -9.28
CA TRP F 15 -13.13 16.94 -9.42
C TRP F 15 -13.03 18.47 -9.61
N GLY F 16 -13.86 19.00 -10.51
CA GLY F 16 -13.85 20.42 -10.81
C GLY F 16 -13.66 20.63 -12.29
N ALA F 17 -13.01 21.73 -12.68
CA ALA F 17 -12.78 22.00 -14.10
C ALA F 17 -11.90 20.88 -14.64
N GLY G 1 -31.16 -7.46 -4.12
CA GLY G 1 -30.49 -8.29 -5.14
C GLY G 1 -29.52 -9.25 -4.52
N LYS G 2 -28.72 -9.93 -5.32
CA LYS G 2 -27.73 -10.86 -4.79
C LYS G 2 -26.36 -10.16 -4.74
N ALA G 3 -25.78 -10.08 -3.56
CA ALA G 3 -24.48 -9.41 -3.38
C ALA G 3 -23.32 -10.20 -3.97
N PHE G 4 -22.30 -9.49 -4.42
CA PHE G 4 -21.14 -10.19 -4.92
C PHE G 4 -19.85 -9.42 -4.52
N ASP G 5 -18.76 -10.14 -4.38
CA ASP G 5 -17.50 -9.49 -4.03
C ASP G 5 -16.37 -10.30 -4.65
N ASP G 6 -15.90 -9.85 -5.80
CA ASP G 6 -14.80 -10.57 -6.44
C ASP G 6 -13.51 -10.50 -5.62
N GLY G 7 -13.31 -9.45 -4.86
CA GLY G 7 -12.04 -9.34 -4.14
C GLY G 7 -11.01 -8.58 -4.97
N ALA G 8 -9.75 -8.54 -4.53
CA ALA G 8 -8.66 -7.84 -5.22
C ALA G 8 -7.75 -8.75 -6.06
N PHE G 9 -7.21 -8.21 -7.15
CA PHE G 9 -6.32 -8.93 -8.07
C PHE G 9 -5.12 -8.06 -8.50
N THR G 10 -4.39 -8.47 -9.54
CA THR G 10 -3.19 -7.77 -10.03
C THR G 10 -3.54 -6.70 -11.06
N GLY G 11 -4.69 -6.89 -11.71
CA GLY G 11 -5.14 -5.98 -12.74
C GLY G 11 -6.39 -6.45 -13.45
N ILE G 12 -6.77 -5.77 -14.53
CA ILE G 12 -7.96 -6.08 -15.28
C ILE G 12 -7.66 -6.34 -16.76
N ARG G 13 -8.15 -7.48 -17.27
CA ARG G 13 -7.93 -7.84 -18.66
C ARG G 13 -9.18 -7.63 -19.55
N GLU G 14 -10.36 -7.91 -18.99
CA GLU G 14 -11.58 -7.76 -19.79
C GLU G 14 -12.80 -7.60 -18.91
N ILE G 15 -13.75 -6.77 -19.35
CA ILE G 15 -14.98 -6.62 -18.60
C ILE G 15 -16.17 -7.02 -19.50
N ASN G 16 -17.02 -7.92 -19.00
CA ASN G 16 -18.18 -8.34 -19.77
C ASN G 16 -19.44 -7.93 -19.01
N LEU G 17 -20.16 -6.96 -19.57
CA LEU G 17 -21.37 -6.48 -18.94
C LEU G 17 -22.53 -6.43 -19.93
N SER G 18 -23.73 -6.18 -19.42
CA SER G 18 -24.86 -6.05 -20.32
C SER G 18 -25.69 -4.92 -19.82
N TYR G 19 -26.47 -4.30 -20.70
CA TYR G 19 -27.31 -3.19 -20.29
C TYR G 19 -28.55 -3.14 -21.16
N ASN G 20 -29.52 -2.33 -20.73
CA ASN G 20 -30.75 -2.10 -21.50
C ASN G 20 -31.06 -0.59 -21.41
N LYS G 21 -31.12 0.07 -22.54
CA LYS G 21 -31.39 1.51 -22.54
C LYS G 21 -32.68 1.93 -21.89
N GLU G 22 -33.67 1.05 -21.82
CA GLU G 22 -34.91 1.46 -21.16
C GLU G 22 -34.71 1.44 -19.66
N THR G 23 -33.81 0.57 -19.20
CA THR G 23 -33.65 0.41 -17.77
C THR G 23 -32.28 0.74 -17.13
N ALA G 24 -31.43 -0.28 -16.98
CA ALA G 24 -30.15 -0.06 -16.35
C ALA G 24 -29.16 -1.16 -16.71
N ILE G 25 -28.03 -1.15 -16.02
CA ILE G 25 -27.00 -2.16 -16.18
C ILE G 25 -27.56 -3.49 -15.71
N GLY G 26 -27.19 -4.55 -16.40
CA GLY G 26 -27.63 -5.88 -16.04
C GLY G 26 -26.52 -6.82 -15.54
N ASP G 27 -25.91 -7.59 -16.44
CA ASP G 27 -24.88 -8.54 -16.05
C ASP G 27 -23.54 -7.79 -15.84
N PHE G 28 -22.65 -8.42 -15.07
CA PHE G 28 -21.31 -7.86 -14.83
C PHE G 28 -20.40 -9.02 -14.49
N GLN G 29 -19.30 -9.12 -15.25
CA GLN G 29 -18.31 -10.20 -15.10
C GLN G 29 -16.94 -9.64 -15.49
N VAL G 30 -15.90 -10.07 -14.80
CA VAL G 30 -14.56 -9.57 -15.10
C VAL G 30 -13.46 -10.65 -15.19
N VAL G 31 -12.65 -10.57 -16.23
CA VAL G 31 -11.49 -11.43 -16.33
C VAL G 31 -10.36 -10.52 -15.77
N TYR G 32 -9.84 -10.88 -14.61
CA TYR G 32 -8.79 -10.09 -14.00
C TYR G 32 -7.48 -10.75 -14.33
N ASP G 33 -6.40 -10.06 -13.99
CA ASP G 33 -5.08 -10.65 -14.10
C ASP G 33 -4.71 -11.08 -12.67
N LEU G 34 -4.22 -12.31 -12.55
CA LEU G 34 -3.75 -12.79 -11.25
C LEU G 34 -2.28 -13.17 -11.41
N ASN G 35 -1.40 -12.24 -11.04
CA ASN G 35 0.04 -12.49 -11.13
C ASN G 35 0.47 -13.01 -12.51
N GLY G 36 -0.03 -12.38 -13.57
CA GLY G 36 0.33 -12.78 -14.91
C GLY G 36 -0.65 -13.73 -15.60
N SER G 37 -1.57 -14.32 -14.87
CA SER G 37 -2.52 -15.26 -15.47
C SER G 37 -3.95 -14.71 -15.52
N PRO G 38 -4.66 -14.98 -16.61
CA PRO G 38 -6.03 -14.43 -16.62
C PRO G 38 -6.80 -15.17 -15.54
N TYR G 39 -7.64 -14.44 -14.81
CA TYR G 39 -8.47 -15.06 -13.79
C TYR G 39 -9.89 -14.74 -14.26
N VAL G 40 -10.65 -15.80 -14.53
CA VAL G 40 -12.03 -15.63 -15.01
C VAL G 40 -12.92 -15.43 -13.78
N GLY G 41 -13.40 -14.20 -13.56
CA GLY G 41 -14.25 -13.96 -12.42
C GLY G 41 -15.63 -14.56 -12.64
N GLN G 42 -16.41 -14.75 -11.58
CA GLN G 42 -17.74 -15.30 -11.76
C GLN G 42 -18.64 -14.29 -12.47
N ASN G 43 -19.62 -14.82 -13.18
CA ASN G 43 -20.56 -14.00 -13.92
C ASN G 43 -21.71 -13.66 -12.97
N HIS G 44 -21.79 -12.39 -12.61
CA HIS G 44 -22.82 -11.93 -11.71
C HIS G 44 -23.99 -11.53 -12.63
N LYS G 45 -24.95 -12.45 -12.70
CA LYS G 45 -26.10 -12.33 -13.57
C LYS G 45 -27.36 -11.64 -13.06
N SER G 46 -27.96 -10.86 -13.95
CA SER G 46 -29.22 -10.21 -13.65
C SER G 46 -30.25 -11.35 -13.53
N PHE G 47 -31.25 -11.19 -12.67
CA PHE G 47 -32.31 -12.18 -12.52
C PHE G 47 -33.16 -12.25 -13.81
N ILE G 48 -33.14 -11.20 -14.64
CA ILE G 48 -33.93 -11.24 -15.87
C ILE G 48 -33.07 -11.16 -17.13
N THR G 49 -33.71 -11.26 -18.31
CA THR G 49 -33.00 -11.21 -19.59
C THR G 49 -33.37 -9.98 -20.47
N GLY G 50 -32.96 -9.99 -21.74
CA GLY G 50 -33.26 -8.89 -22.65
C GLY G 50 -32.19 -7.80 -22.75
N PHE G 51 -31.03 -8.06 -22.17
CA PHE G 51 -29.93 -7.08 -22.16
C PHE G 51 -29.06 -7.17 -23.41
N THR G 52 -28.34 -6.08 -23.67
CA THR G 52 -27.41 -6.00 -24.79
C THR G 52 -26.02 -6.24 -24.19
N PRO G 53 -25.32 -7.29 -24.66
CA PRO G 53 -23.97 -7.71 -24.20
C PRO G 53 -22.89 -6.77 -24.69
N VAL G 54 -21.89 -6.49 -23.83
CA VAL G 54 -20.77 -5.57 -24.14
C VAL G 54 -19.48 -6.21 -23.67
N LYS G 55 -18.49 -6.35 -24.54
CA LYS G 55 -17.20 -6.91 -24.12
C LYS G 55 -16.14 -5.83 -24.25
N ILE G 56 -15.46 -5.51 -23.16
CA ILE G 56 -14.40 -4.50 -23.14
C ILE G 56 -13.09 -5.28 -22.97
N SER G 57 -12.36 -5.49 -24.06
CA SER G 57 -11.12 -6.24 -24.02
C SER G 57 -9.94 -5.27 -23.98
N LEU G 58 -9.30 -5.14 -22.82
CA LEU G 58 -8.17 -4.21 -22.68
C LEU G 58 -6.85 -4.79 -23.15
N ASP G 59 -6.01 -3.94 -23.70
CA ASP G 59 -4.67 -4.35 -24.13
C ASP G 59 -3.76 -4.32 -22.88
N PHE G 60 -4.07 -5.18 -21.94
CA PHE G 60 -3.34 -5.32 -20.68
C PHE G 60 -1.95 -5.90 -20.93
N PRO G 61 -0.93 -5.37 -20.24
CA PRO G 61 -1.00 -4.29 -19.24
C PRO G 61 -0.79 -2.85 -19.73
N SER G 62 -0.57 -2.67 -21.03
CA SER G 62 -0.36 -1.34 -21.63
C SER G 62 -1.57 -0.42 -21.38
N GLU G 63 -2.75 -1.01 -21.54
CA GLU G 63 -4.00 -0.29 -21.38
C GLU G 63 -4.60 -0.60 -20.01
N TYR G 64 -5.07 0.45 -19.34
CA TYR G 64 -5.69 0.30 -18.03
C TYR G 64 -6.69 1.43 -17.85
N ILE G 65 -7.69 1.18 -17.01
CA ILE G 65 -8.73 2.13 -16.76
C ILE G 65 -8.24 3.31 -15.96
N MET G 66 -8.64 4.50 -16.38
CA MET G 66 -8.22 5.72 -15.73
C MET G 66 -9.39 6.48 -15.12
N GLU G 67 -10.60 6.08 -15.52
CA GLU G 67 -11.80 6.69 -14.98
C GLU G 67 -13.04 5.85 -15.25
N VAL G 68 -13.86 5.72 -14.22
CA VAL G 68 -15.14 4.99 -14.29
C VAL G 68 -16.16 6.05 -13.86
N SER G 69 -17.19 6.25 -14.67
CA SER G 69 -18.21 7.22 -14.35
C SER G 69 -19.56 6.61 -14.71
N GLY G 70 -20.64 7.28 -14.31
CA GLY G 70 -21.93 6.71 -14.65
C GLY G 70 -23.08 7.50 -14.07
N TYR G 71 -24.25 6.85 -14.02
CA TYR G 71 -25.44 7.47 -13.49
C TYR G 71 -26.23 6.48 -12.65
N THR G 72 -26.79 6.98 -11.55
CA THR G 72 -27.62 6.18 -10.66
C THR G 72 -29.03 6.79 -10.71
N GLY G 73 -30.05 5.95 -10.58
CA GLY G 73 -31.41 6.44 -10.61
C GLY G 73 -32.47 5.35 -10.46
N ASN G 74 -33.73 5.78 -10.40
CA ASN G 74 -34.85 4.86 -10.22
C ASN G 74 -35.40 4.23 -11.48
N VAL G 75 -35.58 2.91 -11.40
CA VAL G 75 -36.13 2.05 -12.46
C VAL G 75 -37.09 1.15 -11.69
N SER G 76 -38.37 1.18 -12.09
CA SER G 76 -39.42 0.39 -11.44
C SER G 76 -39.42 0.56 -9.92
N GLY G 77 -39.06 1.77 -9.46
CA GLY G 77 -39.02 2.02 -8.03
C GLY G 77 -37.72 1.64 -7.32
N TYR G 78 -36.71 1.11 -8.04
CA TYR G 78 -35.44 0.76 -7.39
C TYR G 78 -34.30 1.73 -7.77
N VAL G 79 -33.51 2.15 -6.78
CA VAL G 79 -32.37 3.04 -7.06
C VAL G 79 -31.24 2.13 -7.54
N VAL G 80 -30.88 2.23 -8.81
CA VAL G 80 -29.85 1.37 -9.38
C VAL G 80 -28.82 2.16 -10.20
N VAL G 81 -27.88 1.42 -10.79
CA VAL G 81 -26.85 1.97 -11.68
C VAL G 81 -27.41 1.89 -13.10
N ARG G 82 -27.85 3.03 -13.63
CA ARG G 82 -28.43 3.06 -14.96
C ARG G 82 -27.43 3.07 -16.12
N SER G 83 -26.21 3.57 -15.85
CA SER G 83 -25.23 3.67 -16.93
C SER G 83 -23.80 3.64 -16.43
N LEU G 84 -22.89 3.14 -17.29
CA LEU G 84 -21.46 3.07 -16.99
C LEU G 84 -20.61 3.44 -18.20
N THR G 85 -19.47 4.07 -17.91
CA THR G 85 -18.51 4.44 -18.94
C THR G 85 -17.11 4.18 -18.36
N PHE G 86 -16.27 3.50 -19.14
CA PHE G 86 -14.92 3.16 -18.75
C PHE G 86 -13.91 3.82 -19.68
N LYS G 87 -13.15 4.77 -19.16
CA LYS G 87 -12.13 5.45 -19.95
C LYS G 87 -10.75 4.90 -19.57
N THR G 88 -9.99 4.52 -20.58
CA THR G 88 -8.63 4.03 -20.36
C THR G 88 -7.66 5.09 -20.91
N ASN G 89 -6.38 4.82 -20.74
CA ASN G 89 -5.32 5.69 -21.24
C ASN G 89 -5.28 5.63 -22.76
N LYS G 90 -6.13 4.80 -23.36
CA LYS G 90 -6.18 4.65 -24.81
C LYS G 90 -7.51 4.91 -25.47
N LYS G 91 -8.59 4.47 -24.83
CA LYS G 91 -9.93 4.59 -25.41
C LYS G 91 -10.97 4.82 -24.34
N THR G 92 -12.15 5.24 -24.77
CA THR G 92 -13.30 5.44 -23.88
C THR G 92 -14.33 4.40 -24.30
N TYR G 93 -14.81 3.61 -23.36
CA TYR G 93 -15.80 2.59 -23.66
C TYR G 93 -17.10 2.98 -22.99
N GLY G 94 -18.12 3.25 -23.80
CA GLY G 94 -19.40 3.65 -23.26
C GLY G 94 -19.77 5.05 -23.76
N PRO G 95 -20.83 5.68 -23.20
CA PRO G 95 -21.66 5.10 -22.13
C PRO G 95 -22.53 3.90 -22.52
N TYR G 96 -22.76 2.99 -21.56
CA TYR G 96 -23.60 1.81 -21.75
C TYR G 96 -24.77 2.11 -20.83
N GLY G 97 -25.95 2.25 -21.43
CA GLY G 97 -27.13 2.59 -20.68
C GLY G 97 -27.41 4.07 -20.79
N VAL G 98 -28.62 4.47 -20.43
CA VAL G 98 -29.01 5.86 -20.52
C VAL G 98 -28.35 6.75 -19.51
N THR G 99 -27.82 7.85 -20.00
CA THR G 99 -27.17 8.80 -19.15
C THR G 99 -28.15 9.78 -18.49
N SER G 100 -28.97 9.27 -17.57
CA SER G 100 -29.94 10.10 -16.81
C SER G 100 -29.89 9.72 -15.35
N GLY G 101 -30.23 10.66 -14.48
CA GLY G 101 -30.21 10.37 -13.05
C GLY G 101 -29.11 11.17 -12.37
N THR G 102 -28.56 10.67 -11.27
CA THR G 102 -27.52 11.40 -10.56
C THR G 102 -26.14 10.99 -11.07
N PRO G 103 -25.36 11.94 -11.59
CA PRO G 103 -24.05 11.48 -12.07
C PRO G 103 -23.06 11.14 -11.00
N PHE G 104 -22.02 10.37 -11.38
CA PHE G 104 -20.93 10.04 -10.47
C PHE G 104 -19.70 9.74 -11.29
N ASN G 105 -18.54 10.04 -10.73
CA ASN G 105 -17.31 9.76 -11.44
C ASN G 105 -16.12 9.59 -10.52
N LEU G 106 -15.29 8.61 -10.89
CA LEU G 106 -14.08 8.23 -10.18
C LEU G 106 -12.86 8.31 -11.12
N PRO G 107 -12.26 9.49 -11.24
CA PRO G 107 -11.09 9.60 -12.10
C PRO G 107 -9.96 9.12 -11.21
N ILE G 108 -8.96 8.46 -11.80
CA ILE G 108 -7.82 7.99 -11.03
C ILE G 108 -6.56 8.67 -11.59
N GLU G 109 -5.85 9.43 -10.73
CA GLU G 109 -4.61 10.09 -11.12
C GLU G 109 -3.43 9.15 -10.98
N ASN G 110 -3.41 8.37 -9.91
CA ASN G 110 -2.35 7.40 -9.70
C ASN G 110 -2.93 6.14 -9.04
N GLY G 111 -2.58 4.97 -9.58
CA GLY G 111 -3.14 3.76 -9.02
C GLY G 111 -4.00 3.01 -10.05
N LEU G 112 -4.54 1.88 -9.61
CA LEU G 112 -5.29 0.97 -10.48
C LEU G 112 -6.55 0.42 -9.83
N ILE G 113 -7.57 0.18 -10.66
CA ILE G 113 -8.76 -0.47 -10.14
C ILE G 113 -8.34 -1.92 -10.21
N VAL G 114 -8.53 -2.65 -9.11
CA VAL G 114 -8.13 -4.05 -9.08
C VAL G 114 -9.21 -5.05 -8.62
N GLY G 115 -10.43 -4.59 -8.48
CA GLY G 115 -11.52 -5.48 -8.09
C GLY G 115 -12.83 -4.75 -8.08
N PHE G 116 -13.91 -5.52 -8.06
CA PHE G 116 -15.27 -4.95 -8.04
C PHE G 116 -16.10 -5.79 -7.07
N LYS G 117 -17.06 -5.17 -6.42
CA LYS G 117 -17.96 -5.89 -5.51
C LYS G 117 -19.24 -5.12 -5.70
N GLY G 118 -20.38 -5.72 -5.33
CA GLY G 118 -21.61 -4.99 -5.50
C GLY G 118 -22.82 -5.85 -5.20
N SER G 119 -23.92 -5.61 -5.89
CA SER G 119 -25.14 -6.40 -5.74
C SER G 119 -25.94 -6.28 -7.05
N ILE G 120 -26.45 -7.41 -7.53
CA ILE G 120 -27.26 -7.43 -8.73
C ILE G 120 -28.58 -8.24 -8.51
N GLY G 121 -29.72 -7.59 -8.79
CA GLY G 121 -31.03 -8.23 -8.70
C GLY G 121 -31.48 -8.26 -10.16
N TYR G 122 -32.47 -7.45 -10.53
CA TYR G 122 -32.90 -7.34 -11.93
C TYR G 122 -31.80 -6.47 -12.59
N TRP G 123 -31.26 -5.51 -11.84
CA TRP G 123 -30.21 -4.64 -12.40
C TRP G 123 -29.10 -4.45 -11.37
N LEU G 124 -27.99 -3.83 -11.79
CA LEU G 124 -26.89 -3.58 -10.87
C LEU G 124 -27.43 -2.55 -9.83
N ASP G 125 -27.60 -2.95 -8.59
CA ASP G 125 -28.12 -2.05 -7.55
C ASP G 125 -27.05 -1.05 -7.06
N TYR G 126 -25.85 -1.58 -6.79
CA TYR G 126 -24.72 -0.73 -6.34
C TYR G 126 -23.41 -1.47 -6.57
N PHE G 127 -22.28 -0.76 -6.50
CA PHE G 127 -20.96 -1.39 -6.68
C PHE G 127 -19.88 -0.48 -6.07
N SER G 128 -18.76 -1.10 -5.72
CA SER G 128 -17.62 -0.41 -5.14
C SER G 128 -16.46 -0.97 -5.93
N MET G 129 -15.32 -0.31 -5.78
CA MET G 129 -14.12 -0.71 -6.50
C MET G 129 -12.89 -0.77 -5.61
N TYR G 130 -12.14 -1.85 -5.78
CA TYR G 130 -10.90 -2.01 -5.05
C TYR G 130 -9.85 -1.18 -5.81
N LEU G 131 -9.07 -0.40 -5.08
CA LEU G 131 -8.00 0.44 -5.68
C LEU G 131 -6.66 0.04 -5.08
N SER G 132 -5.61 0.05 -5.90
CA SER G 132 -4.28 -0.27 -5.37
C SER G 132 -3.15 0.27 -6.25
N LEU G 133 -1.95 0.32 -5.69
CA LEU G 133 -0.78 0.71 -6.48
C LEU G 133 -0.38 -0.61 -7.13
N SER H 4 -4.82 -8.58 11.41
CA SER H 4 -5.32 -9.92 11.01
C SER H 4 -4.37 -10.59 10.04
N GLY H 5 -4.74 -11.79 9.59
CA GLY H 5 -3.90 -12.48 8.63
C GLY H 5 -4.37 -12.20 7.21
N ILE H 6 -5.33 -11.28 7.08
CA ILE H 6 -5.88 -10.94 5.76
C ILE H 6 -5.36 -9.61 5.24
N SER H 7 -4.79 -9.61 4.04
CA SER H 7 -4.25 -8.39 3.41
C SER H 7 -5.42 -7.44 3.08
N GLN H 8 -5.24 -6.15 3.27
CA GLN H 8 -6.31 -5.21 3.03
C GLN H 8 -6.08 -4.39 1.79
N THR H 9 -7.16 -3.83 1.25
CA THR H 9 -7.06 -3.00 0.06
C THR H 9 -7.99 -1.78 0.17
N VAL H 10 -7.59 -0.65 -0.40
CA VAL H 10 -8.43 0.55 -0.38
C VAL H 10 -9.69 0.21 -1.19
N ILE H 11 -10.84 0.68 -0.77
CA ILE H 11 -12.09 0.44 -1.53
C ILE H 11 -12.94 1.71 -1.53
N VAL H 12 -13.36 2.14 -2.70
CA VAL H 12 -14.19 3.31 -2.83
C VAL H 12 -15.58 2.92 -3.31
N GLY H 13 -16.56 3.71 -2.87
CA GLY H 13 -17.96 3.42 -3.20
C GLY H 13 -18.70 3.12 -1.91
N PRO H 14 -19.91 2.55 -1.99
CA PRO H 14 -20.60 2.16 -3.21
C PRO H 14 -21.31 3.33 -3.88
N TRP H 15 -21.57 3.12 -5.17
CA TRP H 15 -22.34 4.04 -5.98
C TRP H 15 -23.57 3.18 -6.34
N GLY H 16 -24.76 3.75 -6.18
CA GLY H 16 -26.00 3.04 -6.46
C GLY H 16 -26.95 3.14 -5.25
N ALA H 17 -27.71 2.08 -4.99
CA ALA H 17 -28.66 2.07 -3.89
C ALA H 17 -28.05 1.87 -2.48
N LYS H 18 -28.95 1.93 -1.49
CA LYS H 18 -28.65 1.80 -0.06
C LYS H 18 -28.29 3.22 0.36
C1 MMA I . 22.73 1.68 29.04
C2 MMA I . 21.20 1.76 29.24
C3 MMA I . 20.55 0.45 28.72
C4 MMA I . 20.97 0.12 27.25
C5 MMA I . 22.51 0.01 27.17
C6 MMA I . 23.06 -0.29 25.77
C7 MMA I . 24.65 0.46 30.00
O1 MMA I . 23.22 0.66 29.92
O2 MMA I . 20.72 2.82 28.47
O3 MMA I . 19.10 0.56 28.84
O4 MMA I . 20.38 -1.10 26.80
O5 MMA I . 23.07 1.28 27.66
O6 MMA I . 22.71 0.71 24.84
C1 MMA J . 21.49 -28.06 -9.72
C2 MMA J . 21.18 -26.95 -10.71
C3 MMA J . 21.79 -25.61 -10.23
C4 MMA J . 21.28 -25.25 -8.84
C5 MMA J . 21.70 -26.40 -7.85
C6 MMA J . 21.25 -26.19 -6.39
C7 MMA J . 23.40 -29.46 -9.06
O1 MMA J . 22.92 -28.28 -9.77
O2 MMA J . 19.79 -26.75 -10.80
O3 MMA J . 21.42 -24.61 -11.16
O4 MMA J . 21.83 -24.00 -8.41
O5 MMA J . 21.14 -27.65 -8.34
O6 MMA J . 19.83 -26.08 -6.37
C1 MMA K . -8.84 33.57 -11.99
C2 MMA K . -7.64 32.84 -12.59
C3 MMA K . -8.14 31.60 -13.38
C4 MMA K . -9.00 30.68 -12.49
C5 MMA K . -10.22 31.49 -11.99
C6 MMA K . -11.19 30.69 -11.06
C7 MMA K . -10.74 34.98 -12.70
O1 MMA K . -9.63 34.10 -13.06
O2 MMA K . -6.81 32.38 -11.56
O3 MMA K . -7.01 30.87 -13.86
O4 MMA K . -9.44 29.57 -13.23
O5 MMA K . -9.70 32.64 -11.25
O6 MMA K . -10.56 30.39 -9.83
C1 MMA L . -35.21 -7.20 -7.74
C2 MMA L . -34.64 -7.47 -6.34
C3 MMA L . -34.41 -6.14 -5.60
C4 MMA L . -33.47 -5.21 -6.43
C5 MMA L . -34.12 -4.93 -7.79
C6 MMA L . -33.27 -4.03 -8.73
C7 MMA L . -37.42 -6.66 -8.71
O1 MMA L . -36.52 -6.62 -7.57
O2 MMA L . -33.39 -8.11 -6.48
O3 MMA L . -33.84 -6.46 -4.32
O4 MMA L . -33.23 -3.98 -5.77
O5 MMA L . -34.37 -6.20 -8.44
O6 MMA L . -32.02 -4.67 -9.09
#